data_4ZNV
#
_entry.id   4ZNV
#
_cell.length_a   54.817
_cell.length_b   81.224
_cell.length_c   58.594
_cell.angle_alpha   90.000
_cell.angle_beta   111.210
_cell.angle_gamma   90.000
#
_symmetry.space_group_name_H-M   'P 1 21 1'
#
loop_
_entity.id
_entity.type
_entity.pdbx_description
1 polymer 'Estrogen receptor'
2 polymer 'Nuclear receptor-interacting peptide'
3 non-polymer '2-methoxyphenyl (1S,2R,4S)-5,6-bis(4-hydroxyphenyl)-7-oxabicyclo[2.2.1]hept-5-ene-2-sulfonate'
4 water water
#
loop_
_entity_poly.entity_id
_entity_poly.type
_entity_poly.pdbx_seq_one_letter_code
_entity_poly.pdbx_strand_id
1 'polypeptide(L)'
;SKKNSLALSLTADQMVSALLDAEPPILYSEYDPTRPFSEASMMGLLTNLADRELVHMINWAKRVPGFVDLTLHDQVHLLE
CAWLEILMIGLVWRSMEHPGKLLFAPNLLLDRNQGKCVEGMVEIFDMLLATSSRFRMMNLQGEEFVCLKSIILLNSGVYT
FLSSTLKSLEEKDHIHRVLDKITDTLIHLMAKAGLTLQQQHQRLAQLLLILSHIRHMSNKGMEHLYSMKCKNVVPLSDLL
LEMLDAHRLHAPTSRGGAS
;
A,B
2 'polypeptide(L)' KHKILHRLLQDSS C,D
#
loop_
_chem_comp.id
_chem_comp.type
_chem_comp.name
_chem_comp.formula
4Q7 non-polymer '2-methoxyphenyl (1S,2R,4S)-5,6-bis(4-hydroxyphenyl)-7-oxabicyclo[2.2.1]hept-5-ene-2-sulfonate' 'C25 H22 O7 S'
#
# COMPACT_ATOMS: atom_id res chain seq x y z
N ASN A 4 11.28 12.73 25.90
CA ASN A 4 11.53 11.34 25.56
C ASN A 4 10.31 10.46 25.73
N SER A 5 10.08 9.58 24.77
CA SER A 5 8.95 8.65 24.77
C SER A 5 9.31 7.32 25.44
N LEU A 6 8.47 6.90 26.37
CA LEU A 6 8.67 5.65 27.09
C LEU A 6 8.89 4.48 26.14
N ALA A 7 8.15 4.49 25.04
CA ALA A 7 8.16 3.40 24.07
C ALA A 7 9.56 2.98 23.64
N LEU A 8 10.43 3.96 23.38
CA LEU A 8 11.78 3.67 22.90
C LEU A 8 12.61 2.99 23.98
N SER A 9 12.19 3.12 25.24
CA SER A 9 12.94 2.51 26.34
C SER A 9 12.49 1.09 26.69
N LEU A 10 11.36 0.66 26.12
CA LEU A 10 10.87 -0.71 26.33
C LEU A 10 11.82 -1.73 25.68
N THR A 11 11.95 -2.90 26.29
CA THR A 11 12.68 -3.99 25.66
C THR A 11 11.78 -4.67 24.64
N ALA A 12 12.36 -5.56 23.84
CA ALA A 12 11.59 -6.30 22.84
C ALA A 12 10.46 -7.11 23.47
N ASP A 13 10.76 -7.86 24.52
CA ASP A 13 9.75 -8.66 25.22
C ASP A 13 8.67 -7.78 25.83
N GLN A 14 9.08 -6.66 26.41
CA GLN A 14 8.14 -5.70 26.97
C GLN A 14 7.21 -5.12 25.91
N MET A 15 7.74 -4.86 24.71
CA MET A 15 6.91 -4.33 23.63
C MET A 15 5.88 -5.38 23.23
N VAL A 16 6.33 -6.63 23.10
CA VAL A 16 5.41 -7.71 22.76
C VAL A 16 4.33 -7.85 23.83
N SER A 17 4.72 -7.88 25.10
CA SER A 17 3.76 -7.97 26.18
C SER A 17 2.78 -6.81 26.18
N ALA A 18 3.27 -5.59 25.97
CA ALA A 18 2.38 -4.43 25.91
C ALA A 18 1.31 -4.56 24.82
N LEU A 19 1.72 -5.03 23.64
CA LEU A 19 0.83 -5.16 22.49
C LEU A 19 -0.18 -6.29 22.64
N LEU A 20 0.26 -7.43 23.17
CA LEU A 20 -0.66 -8.53 23.46
C LEU A 20 -1.70 -8.12 24.51
N ASP A 21 -1.25 -7.36 25.51
CA ASP A 21 -2.15 -6.91 26.57
CA ASP A 21 -2.16 -6.91 26.56
C ASP A 21 -3.20 -5.93 26.04
N ALA A 22 -2.82 -5.14 25.04
CA ALA A 22 -3.69 -4.10 24.50
C ALA A 22 -4.75 -4.64 23.54
N GLU A 23 -4.59 -5.89 23.12
CA GLU A 23 -5.50 -6.50 22.15
C GLU A 23 -6.96 -6.29 22.53
N PRO A 24 -7.76 -5.81 21.58
CA PRO A 24 -9.21 -5.73 21.81
C PRO A 24 -9.82 -7.13 21.82
N PRO A 25 -11.01 -7.27 22.40
CA PRO A 25 -11.67 -8.58 22.36
C PRO A 25 -12.31 -8.83 21.01
N ILE A 26 -12.66 -10.09 20.74
CA ILE A 26 -13.35 -10.41 19.50
C ILE A 26 -14.85 -10.25 19.74
N LEU A 27 -15.48 -9.34 19.01
CA LEU A 27 -16.88 -9.02 19.25
C LEU A 27 -17.81 -9.94 18.49
N TYR A 28 -19.01 -10.11 19.03
CA TYR A 28 -20.04 -10.88 18.36
C TYR A 28 -20.91 -9.97 17.50
N SER A 29 -21.48 -10.55 16.45
CA SER A 29 -22.50 -9.87 15.69
C SER A 29 -23.81 -9.98 16.42
N GLU A 30 -24.79 -9.21 15.97
CA GLU A 30 -26.14 -9.40 16.45
C GLU A 30 -26.55 -10.83 16.10
N TYR A 31 -27.29 -11.46 17.00
CA TYR A 31 -27.76 -12.83 16.80
C TYR A 31 -29.08 -12.80 16.03
N PRO A 33 -32.73 -14.33 12.38
CA PRO A 33 -32.83 -14.27 10.92
C PRO A 33 -31.45 -14.25 10.29
N THR A 34 -30.46 -14.81 10.99
CA THR A 34 -29.07 -14.72 10.58
C THR A 34 -28.80 -15.23 9.16
N ARG A 35 -27.53 -15.28 8.78
CA ARG A 35 -27.11 -15.52 7.41
C ARG A 35 -27.72 -14.47 6.47
N PRO A 36 -27.05 -13.31 6.37
CA PRO A 36 -27.48 -12.19 5.53
C PRO A 36 -27.44 -12.55 4.05
N PHE A 37 -28.52 -12.28 3.33
CA PHE A 37 -28.57 -12.51 1.89
C PHE A 37 -29.30 -11.37 1.20
N SER A 38 -28.98 -10.15 1.63
CA SER A 38 -29.47 -8.95 0.98
C SER A 38 -28.48 -7.82 1.22
N GLU A 39 -28.54 -6.80 0.38
CA GLU A 39 -27.70 -5.62 0.55
C GLU A 39 -27.93 -5.04 1.95
N ALA A 40 -29.19 -4.94 2.35
CA ALA A 40 -29.54 -4.30 3.61
C ALA A 40 -29.08 -5.07 4.85
N SER A 41 -29.32 -6.38 4.87
CA SER A 41 -28.96 -7.15 6.06
C SER A 41 -27.45 -7.23 6.21
N MET A 42 -26.76 -7.35 5.08
CA MET A 42 -25.30 -7.39 5.09
C MET A 42 -24.73 -6.06 5.61
N MET A 43 -25.16 -4.95 5.02
CA MET A 43 -24.64 -3.66 5.47
C MET A 43 -25.01 -3.43 6.92
N GLY A 44 -26.21 -3.87 7.31
CA GLY A 44 -26.68 -3.70 8.67
C GLY A 44 -25.77 -4.38 9.69
N LEU A 45 -25.46 -5.65 9.45
CA LEU A 45 -24.60 -6.39 10.37
C LEU A 45 -23.17 -5.85 10.39
N LEU A 46 -22.63 -5.57 9.20
CA LEU A 46 -21.23 -5.15 9.14
C LEU A 46 -21.02 -3.76 9.76
N THR A 47 -21.95 -2.85 9.54
CA THR A 47 -21.78 -1.50 10.05
C THR A 47 -21.97 -1.48 11.57
N ASN A 48 -22.92 -2.27 12.06
CA ASN A 48 -23.14 -2.39 13.50
C ASN A 48 -21.87 -2.91 14.17
N LEU A 49 -21.32 -3.99 13.60
CA LEU A 49 -20.07 -4.57 14.09
C LEU A 49 -18.91 -3.58 14.04
N ALA A 50 -18.69 -2.96 12.88
CA ALA A 50 -17.60 -2.01 12.71
C ALA A 50 -17.67 -0.88 13.71
N ASP A 51 -18.87 -0.36 13.94
CA ASP A 51 -19.06 0.73 14.85
C ASP A 51 -18.63 0.36 16.26
N ARG A 52 -19.03 -0.83 16.71
CA ARG A 52 -18.62 -1.29 18.03
C ARG A 52 -17.12 -1.53 18.13
N GLU A 53 -16.53 -2.09 17.07
CA GLU A 53 -15.08 -2.32 17.03
C GLU A 53 -14.28 -1.02 17.05
N LEU A 54 -14.82 0.01 16.42
CA LEU A 54 -14.15 1.31 16.42
C LEU A 54 -13.89 1.84 17.84
N VAL A 55 -14.84 1.66 18.75
CA VAL A 55 -14.68 2.14 20.11
C VAL A 55 -13.54 1.39 20.78
N HIS A 56 -13.49 0.08 20.57
CA HIS A 56 -12.38 -0.71 21.07
C HIS A 56 -11.06 -0.31 20.42
N MET A 57 -11.10 0.02 19.13
CA MET A 57 -9.88 0.35 18.40
C MET A 57 -9.26 1.63 18.94
N ILE A 58 -10.11 2.61 19.22
CA ILE A 58 -9.61 3.88 19.72
C ILE A 58 -8.92 3.66 21.06
N ASN A 59 -9.54 2.88 21.93
CA ASN A 59 -8.93 2.61 23.21
C ASN A 59 -7.69 1.71 23.16
N TRP A 60 -7.64 0.83 22.16
CA TRP A 60 -6.46 0.04 21.86
C TRP A 60 -5.28 0.93 21.40
N ALA A 61 -5.56 1.84 20.48
CA ALA A 61 -4.52 2.73 19.95
C ALA A 61 -3.81 3.52 21.07
N LYS A 62 -4.58 3.97 22.06
CA LYS A 62 -3.99 4.67 23.20
C LYS A 62 -2.97 3.83 23.96
N ARG A 63 -3.05 2.52 23.78
CA ARG A 63 -2.18 1.60 24.51
C ARG A 63 -1.01 1.08 23.66
N VAL A 64 -0.96 1.50 22.40
CA VAL A 64 0.16 1.17 21.53
C VAL A 64 1.31 2.09 21.91
N PRO A 65 2.43 1.50 22.38
CA PRO A 65 3.51 2.37 22.86
C PRO A 65 3.90 3.44 21.84
N GLY A 66 3.99 4.69 22.31
CA GLY A 66 4.38 5.78 21.46
C GLY A 66 3.24 6.58 20.88
N PHE A 67 2.05 5.98 20.80
CA PHE A 67 0.88 6.66 20.26
C PHE A 67 0.49 7.80 21.18
N VAL A 68 0.54 7.55 22.48
CA VAL A 68 0.18 8.56 23.49
C VAL A 68 1.07 9.81 23.44
N ASP A 69 2.27 9.66 22.86
CA ASP A 69 3.23 10.76 22.80
C ASP A 69 2.92 11.75 21.67
N LEU A 70 2.00 11.36 20.79
CA LEU A 70 1.60 12.21 19.68
C LEU A 70 0.59 13.24 20.15
N THR A 71 0.51 14.38 19.46
CA THR A 71 -0.54 15.35 19.75
C THR A 71 -1.89 14.70 19.48
N LEU A 72 -2.95 15.27 20.04
CA LEU A 72 -4.28 14.75 19.81
C LEU A 72 -4.60 14.82 18.31
N HIS A 73 -4.19 15.90 17.67
CA HIS A 73 -4.39 16.07 16.23
CA HIS A 73 -4.39 16.07 16.23
C HIS A 73 -3.72 14.94 15.45
N ASP A 74 -2.51 14.59 15.83
CA ASP A 74 -1.79 13.53 15.13
C ASP A 74 -2.47 12.19 15.38
N GLN A 75 -2.97 11.98 16.59
CA GLN A 75 -3.66 10.74 16.90
C GLN A 75 -4.93 10.59 16.07
N VAL A 76 -5.68 11.68 15.95
CA VAL A 76 -6.88 11.68 15.12
C VAL A 76 -6.52 11.31 13.68
N HIS A 77 -5.44 11.89 13.16
CA HIS A 77 -5.07 11.66 11.76
C HIS A 77 -4.70 10.19 11.51
N LEU A 78 -3.91 9.61 12.39
CA LEU A 78 -3.52 8.21 12.18
C LEU A 78 -4.72 7.28 12.23
N LEU A 79 -5.64 7.50 13.16
CA LEU A 79 -6.80 6.63 13.26
C LEU A 79 -7.72 6.81 12.07
N GLU A 80 -7.91 8.05 11.63
CA GLU A 80 -8.74 8.31 10.45
C GLU A 80 -8.17 7.60 9.25
N CYS A 81 -6.84 7.62 9.13
CA CYS A 81 -6.18 7.00 7.98
C CYS A 81 -6.24 5.48 8.01
N ALA A 82 -6.06 4.88 9.18
CA ALA A 82 -5.77 3.46 9.30
C ALA A 82 -6.97 2.59 9.67
N TRP A 83 -8.11 3.20 10.03
CA TRP A 83 -9.14 2.40 10.70
C TRP A 83 -9.60 1.16 9.91
N LEU A 84 -9.83 1.31 8.61
CA LEU A 84 -10.30 0.19 7.81
C LEU A 84 -9.19 -0.86 7.62
N GLU A 85 -7.96 -0.40 7.41
CA GLU A 85 -6.81 -1.33 7.37
C GLU A 85 -6.77 -2.18 8.65
N ILE A 86 -7.00 -1.53 9.79
CA ILE A 86 -6.91 -2.20 11.08
C ILE A 86 -8.07 -3.20 11.26
N LEU A 87 -9.29 -2.80 10.91
CA LEU A 87 -10.40 -3.75 10.91
C LEU A 87 -10.08 -4.93 10.00
N MET A 88 -9.52 -4.63 8.82
CA MET A 88 -9.23 -5.68 7.82
C MET A 88 -8.15 -6.65 8.29
N ILE A 89 -7.05 -6.15 8.86
CA ILE A 89 -6.04 -7.10 9.30
C ILE A 89 -6.59 -7.96 10.44
N GLY A 90 -7.43 -7.37 11.28
CA GLY A 90 -8.07 -8.14 12.33
C GLY A 90 -8.91 -9.28 11.77
N LEU A 91 -9.68 -8.97 10.72
CA LEU A 91 -10.57 -9.93 10.10
C LEU A 91 -9.77 -11.06 9.47
N VAL A 92 -8.72 -10.69 8.75
CA VAL A 92 -7.88 -11.69 8.10
C VAL A 92 -7.22 -12.60 9.14
N TRP A 93 -6.75 -12.01 10.24
CA TRP A 93 -6.15 -12.77 11.34
C TRP A 93 -7.11 -13.80 11.93
N ARG A 94 -8.32 -13.37 12.27
CA ARG A 94 -9.21 -14.31 12.94
C ARG A 94 -9.87 -15.26 11.94
N SER A 95 -9.69 -15.01 10.64
CA SER A 95 -10.17 -15.93 9.60
C SER A 95 -9.15 -17.00 9.23
N MET A 96 -7.95 -16.92 9.79
CA MET A 96 -6.90 -17.84 9.35
C MET A 96 -7.30 -19.31 9.41
N GLU A 97 -7.95 -19.71 10.50
CA GLU A 97 -8.24 -21.12 10.71
C GLU A 97 -9.57 -21.52 10.07
N HIS A 98 -10.05 -20.69 9.16
CA HIS A 98 -11.29 -20.94 8.44
C HIS A 98 -11.10 -20.72 6.96
N PRO A 99 -10.27 -21.56 6.31
CA PRO A 99 -9.97 -21.37 4.89
C PRO A 99 -11.24 -21.18 4.06
N GLY A 100 -11.22 -20.21 3.16
CA GLY A 100 -12.35 -19.98 2.27
C GLY A 100 -13.53 -19.27 2.92
N LYS A 101 -13.35 -18.83 4.16
CA LYS A 101 -14.40 -18.09 4.86
C LYS A 101 -13.80 -16.89 5.57
N LEU A 102 -14.63 -15.88 5.80
CA LEU A 102 -14.22 -14.73 6.57
C LEU A 102 -14.99 -14.71 7.88
N LEU A 103 -14.27 -14.84 8.98
CA LEU A 103 -14.90 -14.87 10.30
C LEU A 103 -15.10 -13.43 10.79
N PHE A 104 -16.18 -12.80 10.33
CA PHE A 104 -16.46 -11.43 10.78
C PHE A 104 -16.66 -11.38 12.29
N ALA A 105 -17.31 -12.42 12.82
CA ALA A 105 -17.51 -12.61 14.25
C ALA A 105 -17.64 -14.10 14.47
N PRO A 106 -17.50 -14.57 15.73
CA PRO A 106 -17.62 -16.02 15.93
C PRO A 106 -18.97 -16.53 15.43
N ASN A 107 -19.99 -15.69 15.48
CA ASN A 107 -21.33 -16.06 15.03
C ASN A 107 -21.72 -15.44 13.70
N LEU A 108 -20.72 -14.96 12.97
CA LEU A 108 -20.92 -14.43 11.63
C LEU A 108 -19.76 -14.84 10.70
N LEU A 109 -19.85 -16.05 10.17
CA LEU A 109 -18.86 -16.61 9.27
C LEU A 109 -19.43 -16.54 7.86
N LEU A 110 -18.80 -15.77 7.00
CA LEU A 110 -19.32 -15.55 5.64
C LEU A 110 -18.42 -16.20 4.60
N ASP A 111 -19.00 -16.62 3.49
CA ASP A 111 -18.16 -17.04 2.36
C ASP A 111 -18.34 -16.05 1.21
N ARG A 112 -17.59 -16.25 0.13
CA ARG A 112 -17.59 -15.26 -0.94
C ARG A 112 -18.94 -15.14 -1.62
N ASN A 113 -19.75 -16.21 -1.57
CA ASN A 113 -21.08 -16.15 -2.15
C ASN A 113 -21.92 -15.04 -1.49
N GLN A 114 -21.71 -14.82 -0.20
CA GLN A 114 -22.42 -13.74 0.49
C GLN A 114 -21.80 -12.38 0.17
N GLY A 115 -20.56 -12.40 -0.31
CA GLY A 115 -19.91 -11.17 -0.71
C GLY A 115 -20.63 -10.51 -1.87
N LYS A 116 -21.38 -11.31 -2.62
CA LYS A 116 -22.07 -10.79 -3.80
C LYS A 116 -23.36 -10.06 -3.45
N CYS A 117 -23.78 -10.13 -2.20
CA CYS A 117 -25.03 -9.50 -1.78
C CYS A 117 -24.95 -7.98 -1.87
N VAL A 118 -23.73 -7.45 -1.82
CA VAL A 118 -23.53 -6.02 -1.97
C VAL A 118 -22.64 -5.77 -3.18
N GLU A 119 -23.12 -4.94 -4.11
CA GLU A 119 -22.36 -4.64 -5.32
C GLU A 119 -21.01 -4.04 -4.96
N GLY A 120 -19.96 -4.55 -5.60
CA GLY A 120 -18.60 -4.09 -5.35
C GLY A 120 -17.86 -4.85 -4.25
N MET A 121 -18.59 -5.62 -3.46
CA MET A 121 -17.98 -6.21 -2.27
C MET A 121 -17.20 -7.50 -2.53
N VAL A 122 -17.64 -8.30 -3.50
CA VAL A 122 -17.03 -9.62 -3.70
C VAL A 122 -15.54 -9.56 -4.09
N GLU A 123 -15.17 -8.57 -4.89
CA GLU A 123 -13.77 -8.36 -5.21
C GLU A 123 -12.92 -8.18 -3.95
N ILE A 124 -13.41 -7.38 -3.00
CA ILE A 124 -12.69 -7.17 -1.74
C ILE A 124 -12.70 -8.44 -0.88
N PHE A 125 -13.85 -9.11 -0.79
CA PHE A 125 -13.92 -10.38 -0.06
C PHE A 125 -12.85 -11.33 -0.55
N ASP A 126 -12.70 -11.42 -1.87
CA ASP A 126 -11.70 -12.29 -2.50
C ASP A 126 -10.28 -11.92 -2.10
N MET A 127 -9.99 -10.62 -2.07
CA MET A 127 -8.68 -10.14 -1.62
C MET A 127 -8.43 -10.47 -0.15
N LEU A 128 -9.47 -10.36 0.66
CA LEU A 128 -9.33 -10.64 2.08
C LEU A 128 -9.07 -12.13 2.29
N LEU A 129 -9.81 -12.96 1.56
CA LEU A 129 -9.58 -14.40 1.61
C LEU A 129 -8.16 -14.76 1.17
N ALA A 130 -7.68 -14.12 0.12
CA ALA A 130 -6.33 -14.38 -0.37
C ALA A 130 -5.30 -14.01 0.70
N THR A 131 -5.53 -12.88 1.37
CA THR A 131 -4.64 -12.39 2.42
C THR A 131 -4.67 -13.35 3.63
N SER A 132 -5.85 -13.79 4.02
CA SER A 132 -5.95 -14.75 5.12
C SER A 132 -5.20 -16.03 4.74
N SER A 133 -5.40 -16.48 3.50
CA SER A 133 -4.70 -17.69 3.07
C SER A 133 -3.19 -17.52 3.13
N ARG A 134 -2.72 -16.33 2.77
CA ARG A 134 -1.28 -16.04 2.77
C ARG A 134 -0.73 -16.06 4.20
N PHE A 135 -1.47 -15.47 5.14
CA PHE A 135 -1.08 -15.52 6.55
C PHE A 135 -1.03 -16.94 7.04
N ARG A 136 -2.02 -17.74 6.64
CA ARG A 136 -2.09 -19.12 7.12
C ARG A 136 -0.86 -19.88 6.62
N MET A 137 -0.51 -19.68 5.35
CA MET A 137 0.61 -20.42 4.78
C MET A 137 1.96 -19.95 5.29
N MET A 138 2.04 -18.70 5.75
CA MET A 138 3.26 -18.20 6.40
C MET A 138 3.31 -18.60 7.86
N ASN A 139 2.23 -19.19 8.36
CA ASN A 139 2.15 -19.56 9.77
C ASN A 139 2.34 -18.33 10.66
N LEU A 140 1.63 -17.25 10.35
CA LEU A 140 1.75 -16.01 11.13
C LEU A 140 1.41 -16.26 12.59
N GLN A 141 2.23 -15.72 13.49
CA GLN A 141 2.05 -15.90 14.93
C GLN A 141 1.38 -14.68 15.51
N GLY A 142 0.70 -14.86 16.64
CA GLY A 142 0.01 -13.74 17.27
C GLY A 142 0.93 -12.58 17.60
N GLU A 143 2.15 -12.92 18.04
CA GLU A 143 3.14 -11.90 18.38
C GLU A 143 3.49 -11.04 17.16
N GLU A 144 3.56 -11.66 15.99
CA GLU A 144 3.88 -10.95 14.76
C GLU A 144 2.69 -10.12 14.32
N PHE A 145 1.51 -10.72 14.38
CA PHE A 145 0.28 -10.01 14.07
C PHE A 145 0.13 -8.67 14.82
N VAL A 146 0.31 -8.67 16.14
CA VAL A 146 0.18 -7.41 16.88
C VAL A 146 1.24 -6.36 16.51
N CYS A 147 2.44 -6.81 16.16
CA CYS A 147 3.44 -5.87 15.65
C CYS A 147 2.96 -5.28 14.34
N LEU A 148 2.43 -6.11 13.43
CA LEU A 148 2.00 -5.61 12.13
C LEU A 148 0.85 -4.63 12.28
N LYS A 149 -0.08 -4.93 13.16
CA LYS A 149 -1.22 -4.05 13.34
C LYS A 149 -0.76 -2.69 13.88
N SER A 150 0.21 -2.68 14.78
CA SER A 150 0.75 -1.43 15.32
C SER A 150 1.53 -0.64 14.26
N ILE A 151 2.20 -1.36 13.37
CA ILE A 151 2.90 -0.68 12.27
C ILE A 151 1.89 0.00 11.34
N ILE A 152 0.80 -0.67 11.06
CA ILE A 152 -0.26 -0.06 10.23
C ILE A 152 -0.74 1.26 10.83
N LEU A 153 -1.05 1.24 12.13
CA LEU A 153 -1.53 2.44 12.81
C LEU A 153 -0.53 3.58 12.65
N LEU A 154 0.74 3.30 12.92
CA LEU A 154 1.75 4.34 12.97
C LEU A 154 2.19 4.77 11.57
N ASN A 155 2.15 3.84 10.61
CA ASN A 155 2.66 4.10 9.28
C ASN A 155 1.65 4.69 8.31
N SER A 156 0.36 4.47 8.51
CA SER A 156 -0.51 4.70 7.38
C SER A 156 -0.80 6.19 7.08
N GLY A 157 -0.44 7.06 8.01
CA GLY A 157 -0.62 8.48 7.79
C GLY A 157 0.56 9.32 8.21
N VAL A 158 1.70 8.67 8.43
CA VAL A 158 2.90 9.35 8.93
C VAL A 158 3.40 10.46 7.97
N TYR A 159 3.09 10.33 6.69
CA TYR A 159 3.56 11.32 5.73
C TYR A 159 2.65 12.54 5.70
N THR A 160 2.11 12.86 6.87
CA THR A 160 1.31 14.06 7.08
C THR A 160 0.24 14.24 6.02
N LYS A 172 7.42 12.45 10.99
CA LYS A 172 8.60 13.03 11.64
C LYS A 172 9.42 11.95 12.35
N ASP A 173 10.32 12.40 13.22
CA ASP A 173 11.30 11.53 13.84
C ASP A 173 10.70 10.50 14.80
N HIS A 174 9.76 10.92 15.64
CA HIS A 174 9.22 10.05 16.68
C HIS A 174 8.57 8.77 16.14
N ILE A 175 7.62 8.94 15.24
CA ILE A 175 6.94 7.79 14.63
C ILE A 175 7.96 6.84 13.98
N HIS A 176 8.96 7.41 13.32
CA HIS A 176 9.96 6.60 12.64
C HIS A 176 10.87 5.85 13.61
N ARG A 177 11.17 6.45 14.77
CA ARG A 177 11.94 5.74 15.79
C ARG A 177 11.11 4.60 16.38
N VAL A 178 9.82 4.85 16.59
CA VAL A 178 8.94 3.80 17.08
C VAL A 178 8.84 2.66 16.07
N LEU A 179 8.67 3.01 14.80
CA LEU A 179 8.59 1.99 13.75
C LEU A 179 9.85 1.12 13.72
N ASP A 180 11.02 1.75 13.88
CA ASP A 180 12.27 1.00 13.92
C ASP A 180 12.26 0.02 15.09
N LYS A 181 11.71 0.47 16.22
CA LYS A 181 11.65 -0.37 17.41
C LYS A 181 10.75 -1.58 17.16
N ILE A 182 9.66 -1.38 16.44
CA ILE A 182 8.80 -2.49 16.11
C ILE A 182 9.52 -3.46 15.17
N THR A 183 10.25 -2.93 14.21
CA THR A 183 11.10 -3.75 13.35
C THR A 183 12.04 -4.60 14.19
N ASP A 184 12.74 -3.97 15.12
CA ASP A 184 13.64 -4.68 16.02
C ASP A 184 12.87 -5.81 16.71
N THR A 185 11.63 -5.51 17.09
CA THR A 185 10.79 -6.45 17.83
C THR A 185 10.38 -7.66 16.96
N LEU A 186 10.02 -7.43 15.71
CA LEU A 186 9.73 -8.51 14.77
C LEU A 186 10.92 -9.45 14.55
N ILE A 187 12.09 -8.89 14.32
CA ILE A 187 13.30 -9.70 14.15
C ILE A 187 13.59 -10.47 15.43
N HIS A 188 13.46 -9.79 16.56
CA HIS A 188 13.64 -10.43 17.85
C HIS A 188 12.73 -11.66 17.97
N LEU A 189 11.49 -11.54 17.52
CA LEU A 189 10.57 -12.67 17.54
C LEU A 189 11.01 -13.82 16.63
N MET A 190 11.45 -13.48 15.43
CA MET A 190 11.87 -14.49 14.46
C MET A 190 13.16 -15.20 14.89
N ALA A 191 14.10 -14.44 15.44
CA ALA A 191 15.32 -15.03 15.97
C ALA A 191 14.98 -15.96 17.13
N LYS A 192 13.97 -15.59 17.91
CA LYS A 192 13.55 -16.43 19.03
C LYS A 192 12.93 -17.72 18.51
N ALA A 193 12.32 -17.66 17.34
CA ALA A 193 11.69 -18.83 16.72
C ALA A 193 12.68 -19.75 15.99
N GLY A 194 13.96 -19.37 16.01
CA GLY A 194 15.00 -20.21 15.42
C GLY A 194 15.36 -19.91 13.97
N LEU A 195 14.77 -18.88 13.40
CA LEU A 195 15.05 -18.57 11.99
C LEU A 195 16.50 -18.12 11.83
N THR A 196 17.12 -18.57 10.74
CA THR A 196 18.45 -18.08 10.38
C THR A 196 18.32 -16.61 9.97
N LEU A 197 19.47 -15.94 9.87
CA LEU A 197 19.47 -14.54 9.44
C LEU A 197 18.83 -14.32 8.08
N GLN A 198 19.13 -15.20 7.11
CA GLN A 198 18.51 -15.08 5.80
C GLN A 198 16.99 -15.24 5.89
N GLN A 199 16.56 -16.20 6.70
CA GLN A 199 15.13 -16.44 6.89
C GLN A 199 14.45 -15.28 7.60
N GLN A 200 15.14 -14.67 8.57
CA GLN A 200 14.60 -13.51 9.28
C GLN A 200 14.32 -12.35 8.31
N HIS A 201 15.31 -11.96 7.53
CA HIS A 201 15.07 -10.82 6.63
C HIS A 201 14.07 -11.16 5.53
N GLN A 202 14.06 -12.40 5.04
CA GLN A 202 13.05 -12.81 4.06
C GLN A 202 11.64 -12.73 4.65
N ARG A 203 11.48 -13.19 5.89
CA ARG A 203 10.17 -13.15 6.53
C ARG A 203 9.74 -11.71 6.86
N LEU A 204 10.68 -10.90 7.31
CA LEU A 204 10.37 -9.49 7.58
C LEU A 204 9.82 -8.84 6.31
N ALA A 205 10.49 -9.10 5.18
CA ALA A 205 10.05 -8.52 3.92
C ALA A 205 8.68 -9.07 3.51
N GLN A 206 8.50 -10.38 3.65
CA GLN A 206 7.22 -11.01 3.30
C GLN A 206 6.05 -10.36 4.04
N LEU A 207 6.22 -10.17 5.34
CA LEU A 207 5.17 -9.58 6.15
C LEU A 207 4.90 -8.14 5.77
N LEU A 208 5.96 -7.37 5.57
CA LEU A 208 5.78 -5.95 5.27
C LEU A 208 5.19 -5.72 3.88
N LEU A 209 5.46 -6.62 2.94
CA LEU A 209 4.86 -6.47 1.62
C LEU A 209 3.36 -6.74 1.67
N ILE A 210 2.92 -7.58 2.60
CA ILE A 210 1.49 -7.83 2.76
C ILE A 210 0.80 -6.54 3.19
N LEU A 211 1.52 -5.66 3.88
CA LEU A 211 0.92 -4.39 4.30
C LEU A 211 0.54 -3.52 3.09
N SER A 212 1.24 -3.69 1.98
CA SER A 212 0.88 -2.96 0.77
C SER A 212 -0.45 -3.45 0.27
N HIS A 213 -0.65 -4.75 0.36
CA HIS A 213 -1.92 -5.32 -0.03
C HIS A 213 -3.05 -4.90 0.89
N ILE A 214 -2.76 -4.79 2.18
CA ILE A 214 -3.79 -4.36 3.10
C ILE A 214 -4.17 -2.90 2.83
N ARG A 215 -3.18 -2.06 2.52
CA ARG A 215 -3.46 -0.68 2.14
C ARG A 215 -4.35 -0.66 0.91
N HIS A 216 -3.96 -1.44 -0.09
CA HIS A 216 -4.75 -1.56 -1.32
C HIS A 216 -6.21 -1.91 -1.03
N MET A 217 -6.43 -2.93 -0.21
CA MET A 217 -7.80 -3.35 0.11
C MET A 217 -8.60 -2.25 0.80
N SER A 218 -7.95 -1.55 1.72
CA SER A 218 -8.60 -0.43 2.38
C SER A 218 -8.97 0.69 1.40
N ASN A 219 -8.05 1.05 0.52
CA ASN A 219 -8.30 2.13 -0.43
C ASN A 219 -9.48 1.74 -1.33
N LYS A 220 -9.47 0.49 -1.78
CA LYS A 220 -10.50 0.03 -2.69
C LYS A 220 -11.86 -0.12 -1.99
N GLY A 221 -11.87 -0.64 -0.76
CA GLY A 221 -13.12 -0.76 -0.01
C GLY A 221 -13.67 0.60 0.39
N MET A 222 -12.77 1.47 0.84
CA MET A 222 -13.16 2.83 1.26
C MET A 222 -13.85 3.58 0.12
N GLU A 223 -13.32 3.44 -1.09
CA GLU A 223 -13.88 4.11 -2.26
C GLU A 223 -15.32 3.72 -2.48
N HIS A 224 -15.66 2.46 -2.21
CA HIS A 224 -17.06 2.02 -2.24
C HIS A 224 -17.85 2.54 -1.04
N LEU A 225 -17.27 2.41 0.16
CA LEU A 225 -18.01 2.77 1.37
C LEU A 225 -18.39 4.25 1.47
N TYR A 226 -17.57 5.14 0.91
CA TYR A 226 -17.93 6.56 0.95
C TYR A 226 -18.70 7.08 -0.27
N SER A 227 -19.02 6.19 -1.19
CA SER A 227 -19.92 6.54 -2.29
C SER A 227 -21.32 6.78 -1.75
N MET A 228 -22.09 7.62 -2.42
CA MET A 228 -23.46 7.86 -1.99
C MET A 228 -24.28 6.58 -1.90
N LYS A 229 -24.18 5.72 -2.91
CA LYS A 229 -24.95 4.48 -2.90
C LYS A 229 -24.73 3.68 -1.63
N CYS A 230 -23.46 3.54 -1.22
CA CYS A 230 -23.15 2.76 -0.04
C CYS A 230 -23.57 3.45 1.25
N LYS A 231 -23.57 4.79 1.23
CA LYS A 231 -24.00 5.54 2.39
C LYS A 231 -25.51 5.45 2.60
N ASN A 232 -26.25 5.18 1.52
CA ASN A 232 -27.70 5.21 1.54
C ASN A 232 -28.41 3.89 1.93
N VAL A 233 -27.65 2.79 1.97
CA VAL A 233 -28.25 1.48 2.20
C VAL A 233 -28.94 1.39 3.56
N VAL A 234 -28.21 1.75 4.61
CA VAL A 234 -28.75 1.85 5.96
C VAL A 234 -28.22 3.12 6.62
N PRO A 235 -28.92 3.62 7.65
CA PRO A 235 -28.41 4.82 8.35
C PRO A 235 -27.16 4.51 9.15
N LEU A 236 -26.08 5.23 8.86
CA LEU A 236 -24.81 4.97 9.50
C LEU A 236 -24.66 5.79 10.78
N SER A 237 -23.84 5.30 11.72
CA SER A 237 -23.65 6.00 12.98
C SER A 237 -22.87 7.29 12.69
N ASP A 238 -23.03 8.28 13.55
CA ASP A 238 -22.29 9.53 13.38
C ASP A 238 -20.78 9.27 13.32
N LEU A 239 -20.29 8.39 14.17
CA LEU A 239 -18.86 8.11 14.20
C LEU A 239 -18.38 7.45 12.88
N LEU A 240 -19.13 6.47 12.40
CA LEU A 240 -18.75 5.80 11.17
C LEU A 240 -18.73 6.80 10.01
N LEU A 241 -19.72 7.69 9.95
CA LEU A 241 -19.78 8.70 8.89
C LEU A 241 -18.60 9.65 8.95
N GLU A 242 -18.21 10.03 10.16
CA GLU A 242 -17.04 10.88 10.30
C GLU A 242 -15.75 10.17 9.86
N MET A 243 -15.65 8.88 10.12
CA MET A 243 -14.45 8.11 9.72
C MET A 243 -14.38 7.94 8.21
N LEU A 244 -15.55 7.80 7.60
CA LEU A 244 -15.65 7.73 6.14
C LEU A 244 -15.33 9.07 5.48
N ASP A 245 -15.91 10.14 6.01
CA ASP A 245 -15.77 11.48 5.46
C ASP A 245 -14.30 11.94 5.44
N ALA A 246 -13.53 11.47 6.42
CA ALA A 246 -12.10 11.78 6.49
C ALA A 246 -11.38 11.39 5.21
N HIS A 247 -11.84 10.32 4.57
CA HIS A 247 -11.25 9.87 3.31
C HIS A 247 -11.95 10.47 2.08
N ARG A 248 -13.26 10.66 2.18
CA ARG A 248 -14.02 11.21 1.05
C ARG A 248 -13.58 12.64 0.78
N LEU A 249 -13.13 13.32 1.82
CA LEU A 249 -12.63 14.69 1.73
C LEU A 249 -11.75 14.90 0.49
N HIS A 250 -10.94 13.89 0.17
CA HIS A 250 -9.96 13.99 -0.91
C HIS A 250 -10.45 13.38 -2.22
N ALA A 251 -11.49 12.56 -2.16
CA ALA A 251 -12.05 11.92 -3.34
C ALA A 251 -12.43 12.94 -4.42
N PRO A 252 -12.53 12.50 -5.68
CA PRO A 252 -12.94 13.42 -6.75
C PRO A 252 -14.43 13.78 -6.66
N SER B 5 14.32 -19.96 -15.42
CA SER B 5 14.96 -20.30 -14.15
C SER B 5 15.98 -19.22 -13.77
N LEU B 6 16.40 -18.45 -14.77
CA LEU B 6 17.47 -17.47 -14.63
C LEU B 6 17.42 -16.66 -13.33
N ALA B 7 16.24 -16.19 -12.95
CA ALA B 7 16.11 -15.32 -11.80
C ALA B 7 16.67 -15.93 -10.52
N LEU B 8 16.47 -17.24 -10.35
CA LEU B 8 16.79 -17.88 -9.08
C LEU B 8 18.26 -18.25 -8.96
N SER B 9 18.97 -18.24 -10.09
CA SER B 9 20.38 -18.63 -10.08
C SER B 9 21.29 -17.42 -10.01
N LEU B 10 20.74 -16.23 -10.21
CA LEU B 10 21.52 -15.01 -10.16
C LEU B 10 22.05 -14.76 -8.76
N THR B 11 23.31 -14.35 -8.68
CA THR B 11 23.84 -13.83 -7.43
C THR B 11 23.22 -12.47 -7.20
N ALA B 12 23.39 -11.95 -6.00
CA ALA B 12 22.97 -10.60 -5.67
C ALA B 12 23.52 -9.57 -6.67
N ASP B 13 24.84 -9.59 -6.90
CA ASP B 13 25.49 -8.62 -7.77
C ASP B 13 24.98 -8.75 -9.21
N GLN B 14 24.62 -9.96 -9.61
CA GLN B 14 24.14 -10.20 -10.96
C GLN B 14 22.70 -9.69 -11.09
N MET B 15 21.94 -9.78 -10.01
CA MET B 15 20.59 -9.21 -9.96
C MET B 15 20.67 -7.70 -10.11
N VAL B 16 21.53 -7.08 -9.30
CA VAL B 16 21.74 -5.64 -9.38
C VAL B 16 22.19 -5.20 -10.78
N SER B 17 23.21 -5.86 -11.33
CA SER B 17 23.66 -5.47 -12.65
C SER B 17 22.53 -5.65 -13.69
N ALA B 18 21.74 -6.72 -13.57
CA ALA B 18 20.64 -6.93 -14.51
C ALA B 18 19.61 -5.80 -14.41
N LEU B 19 19.25 -5.44 -13.19
CA LEU B 19 18.26 -4.41 -12.96
C LEU B 19 18.73 -3.01 -13.42
N LEU B 20 19.99 -2.71 -13.14
CA LEU B 20 20.54 -1.43 -13.59
C LEU B 20 20.58 -1.35 -15.12
N ASP B 21 20.97 -2.44 -15.77
CA ASP B 21 21.08 -2.42 -17.23
C ASP B 21 19.71 -2.25 -17.90
N ALA B 22 18.66 -2.69 -17.22
CA ALA B 22 17.32 -2.71 -17.75
C ALA B 22 16.56 -1.39 -17.56
N GLU B 23 17.18 -0.44 -16.86
CA GLU B 23 16.54 0.84 -16.55
C GLU B 23 16.08 1.58 -17.80
N PRO B 24 14.86 2.13 -17.76
CA PRO B 24 14.37 2.92 -18.88
C PRO B 24 15.07 4.27 -18.94
N PRO B 25 14.99 4.95 -20.09
CA PRO B 25 15.57 6.28 -20.19
C PRO B 25 14.68 7.32 -19.53
N ILE B 26 15.24 8.49 -19.26
CA ILE B 26 14.45 9.59 -18.74
C ILE B 26 13.92 10.39 -19.93
N LEU B 27 12.60 10.47 -20.06
CA LEU B 27 12.02 11.12 -21.23
C LEU B 27 11.84 12.61 -21.01
N TYR B 28 11.72 13.36 -22.10
CA TYR B 28 11.41 14.79 -22.03
C TYR B 28 9.93 15.02 -22.22
N SER B 29 9.41 16.07 -21.61
CA SER B 29 8.05 16.51 -21.85
C SER B 29 8.03 17.50 -23.01
N GLU B 30 6.84 17.90 -23.43
CA GLU B 30 6.70 18.91 -24.46
C GLU B 30 6.49 20.29 -23.85
N TYR B 31 6.95 20.44 -22.61
CA TYR B 31 6.78 21.69 -21.88
C TYR B 31 7.37 22.88 -22.62
N ASP B 32 6.55 23.91 -22.77
CA ASP B 32 6.99 25.16 -23.36
C ASP B 32 6.70 26.29 -22.37
N PRO B 33 7.77 26.82 -21.76
CA PRO B 33 7.68 27.91 -20.77
C PRO B 33 7.12 29.19 -21.38
N THR B 34 6.73 29.15 -22.64
CA THR B 34 6.08 30.28 -23.27
C THR B 34 4.62 29.97 -23.58
N ARG B 35 4.10 28.94 -22.91
N ARG B 35 4.09 28.93 -22.94
CA ARG B 35 2.72 28.50 -23.04
CA ARG B 35 2.69 28.57 -23.07
C ARG B 35 2.13 28.27 -21.65
C ARG B 35 2.11 28.30 -21.68
N PRO B 36 2.01 29.35 -20.85
CA PRO B 36 1.58 29.32 -19.45
C PRO B 36 0.59 28.22 -19.11
N PHE B 37 0.71 27.66 -17.91
CA PHE B 37 -0.06 26.49 -17.52
C PHE B 37 -1.56 26.67 -17.61
N SER B 38 -2.27 25.57 -17.42
CA SER B 38 -3.71 25.54 -17.38
C SER B 38 -4.06 24.09 -17.12
N GLU B 39 -5.17 23.85 -16.42
CA GLU B 39 -5.62 22.50 -16.17
C GLU B 39 -5.40 21.64 -17.40
N ALA B 40 -5.85 22.15 -18.55
CA ALA B 40 -5.73 21.46 -19.82
C ALA B 40 -4.27 21.19 -20.20
N SER B 41 -3.45 22.23 -20.18
CA SER B 41 -2.06 22.07 -20.61
C SER B 41 -1.26 21.16 -19.67
N MET B 42 -1.47 21.30 -18.37
CA MET B 42 -0.78 20.44 -17.39
C MET B 42 -1.16 18.97 -17.60
N MET B 43 -2.47 18.73 -17.70
CA MET B 43 -2.98 17.39 -17.96
C MET B 43 -2.42 16.81 -19.24
N GLY B 44 -2.38 17.64 -20.28
CA GLY B 44 -1.83 17.25 -21.56
C GLY B 44 -0.38 16.83 -21.46
N LEU B 45 0.44 17.64 -20.79
CA LEU B 45 1.84 17.32 -20.60
C LEU B 45 2.04 16.00 -19.85
N LEU B 46 1.29 15.82 -18.76
CA LEU B 46 1.49 14.66 -17.91
C LEU B 46 1.04 13.38 -18.59
N THR B 47 -0.10 13.44 -19.27
CA THR B 47 -0.63 12.28 -19.97
CA THR B 47 -0.62 12.27 -19.97
C THR B 47 0.26 11.89 -21.16
N ASN B 48 0.69 12.89 -21.91
CA ASN B 48 1.58 12.62 -23.03
C ASN B 48 2.87 11.98 -22.54
N LEU B 49 3.40 12.49 -21.43
CA LEU B 49 4.62 11.95 -20.85
C LEU B 49 4.40 10.50 -20.37
N ALA B 50 3.36 10.31 -19.57
CA ALA B 50 3.09 8.98 -19.03
C ALA B 50 2.89 7.98 -20.14
N ASP B 51 2.16 8.39 -21.17
CA ASP B 51 1.91 7.52 -22.29
C ASP B 51 3.21 7.01 -22.95
N ARG B 52 4.18 7.89 -23.14
CA ARG B 52 5.42 7.46 -23.78
C ARG B 52 6.22 6.60 -22.81
N GLU B 53 6.17 6.94 -21.52
CA GLU B 53 6.87 6.14 -20.49
C GLU B 53 6.35 4.71 -20.38
N LEU B 54 5.05 4.53 -20.58
CA LEU B 54 4.46 3.19 -20.54
C LEU B 54 5.11 2.23 -21.52
N VAL B 55 5.43 2.72 -22.71
CA VAL B 55 6.06 1.87 -23.70
C VAL B 55 7.43 1.36 -23.22
N HIS B 56 8.23 2.26 -22.65
CA HIS B 56 9.52 1.87 -22.07
C HIS B 56 9.35 0.96 -20.85
N MET B 57 8.29 1.19 -20.09
CA MET B 57 8.03 0.42 -18.87
C MET B 57 7.73 -1.04 -19.24
N ILE B 58 6.94 -1.21 -20.30
CA ILE B 58 6.62 -2.55 -20.77
C ILE B 58 7.89 -3.29 -21.18
N ASN B 59 8.78 -2.62 -21.89
CA ASN B 59 10.03 -3.24 -22.30
C ASN B 59 11.02 -3.42 -21.13
N TRP B 60 10.97 -2.53 -20.14
CA TRP B 60 11.70 -2.74 -18.89
C TRP B 60 11.21 -3.97 -18.12
N ALA B 61 9.90 -4.17 -18.03
CA ALA B 61 9.33 -5.26 -17.24
C ALA B 61 9.80 -6.62 -17.78
N LYS B 62 9.88 -6.70 -19.10
CA LYS B 62 10.38 -7.90 -19.76
C LYS B 62 11.80 -8.28 -19.33
N ARG B 63 12.56 -7.30 -18.84
CA ARG B 63 13.95 -7.53 -18.44
CA ARG B 63 13.94 -7.55 -18.44
C ARG B 63 14.11 -7.71 -16.93
N VAL B 64 13.02 -7.64 -16.19
CA VAL B 64 13.06 -7.86 -14.75
C VAL B 64 13.13 -9.36 -14.52
N PRO B 65 14.20 -9.84 -13.87
CA PRO B 65 14.39 -11.29 -13.71
C PRO B 65 13.15 -11.98 -13.15
N GLY B 66 12.75 -13.07 -13.79
CA GLY B 66 11.57 -13.81 -13.37
C GLY B 66 10.28 -13.38 -14.04
N PHE B 67 10.22 -12.17 -14.57
CA PHE B 67 8.98 -11.66 -15.14
C PHE B 67 8.52 -12.43 -16.38
N VAL B 68 9.47 -12.73 -17.28
CA VAL B 68 9.13 -13.44 -18.52
C VAL B 68 8.83 -14.92 -18.29
N ASP B 69 9.06 -15.38 -17.07
CA ASP B 69 8.71 -16.77 -16.72
C ASP B 69 7.21 -16.89 -16.51
N LEU B 70 6.55 -15.75 -16.33
CA LEU B 70 5.11 -15.75 -16.07
C LEU B 70 4.31 -15.86 -17.37
N THR B 71 3.06 -16.32 -17.25
CA THR B 71 2.18 -16.34 -18.41
C THR B 71 1.92 -14.91 -18.85
N LEU B 72 1.62 -14.75 -20.13
CA LEU B 72 1.32 -13.44 -20.67
CA LEU B 72 1.30 -13.45 -20.70
C LEU B 72 0.15 -12.80 -19.93
N HIS B 73 -0.87 -13.59 -19.64
CA HIS B 73 -2.01 -13.09 -18.87
C HIS B 73 -1.56 -12.50 -17.54
N ASP B 74 -0.65 -13.20 -16.85
CA ASP B 74 -0.16 -12.70 -15.56
C ASP B 74 0.74 -11.48 -15.70
N GLN B 75 1.51 -11.40 -16.78
CA GLN B 75 2.31 -10.21 -17.02
C GLN B 75 1.42 -8.98 -17.21
N VAL B 76 0.36 -9.14 -18.00
CA VAL B 76 -0.60 -8.08 -18.23
C VAL B 76 -1.18 -7.61 -16.89
N HIS B 77 -1.61 -8.57 -16.09
CA HIS B 77 -2.19 -8.25 -14.79
C HIS B 77 -1.24 -7.46 -13.87
N LEU B 78 0.01 -7.92 -13.75
CA LEU B 78 0.97 -7.19 -12.90
C LEU B 78 1.16 -5.76 -13.37
N LEU B 79 1.29 -5.56 -14.68
CA LEU B 79 1.52 -4.22 -15.21
C LEU B 79 0.29 -3.34 -15.08
N GLU B 80 -0.88 -3.91 -15.29
CA GLU B 80 -2.11 -3.16 -15.09
C GLU B 80 -2.20 -2.68 -13.64
N CYS B 81 -1.86 -3.58 -12.72
CA CYS B 81 -1.92 -3.24 -11.29
C CYS B 81 -0.89 -2.17 -10.88
N ALA B 82 0.33 -2.30 -11.39
CA ALA B 82 1.45 -1.52 -10.84
C ALA B 82 1.84 -0.26 -11.62
N TRP B 83 1.28 -0.02 -12.81
CA TRP B 83 1.87 1.01 -13.68
C TRP B 83 2.03 2.40 -13.05
N LEU B 84 1.00 2.88 -12.35
CA LEU B 84 1.09 4.21 -11.73
C LEU B 84 2.05 4.20 -10.55
N GLU B 85 2.05 3.14 -9.73
CA GLU B 85 3.06 3.01 -8.68
C GLU B 85 4.46 3.11 -9.28
N ILE B 86 4.66 2.47 -10.43
CA ILE B 86 5.98 2.46 -11.06
C ILE B 86 6.36 3.83 -11.61
N LEU B 87 5.42 4.49 -12.28
CA LEU B 87 5.67 5.88 -12.69
C LEU B 87 5.99 6.77 -11.49
N MET B 88 5.24 6.61 -10.42
CA MET B 88 5.43 7.41 -9.21
C MET B 88 6.76 7.19 -8.53
N ILE B 89 7.19 5.93 -8.38
CA ILE B 89 8.46 5.72 -7.73
C ILE B 89 9.60 6.28 -8.58
N GLY B 90 9.46 6.19 -9.90
CA GLY B 90 10.42 6.80 -10.79
C GLY B 90 10.48 8.30 -10.56
N LEU B 91 9.31 8.92 -10.50
CA LEU B 91 9.22 10.36 -10.29
C LEU B 91 9.88 10.79 -8.96
N VAL B 92 9.58 10.08 -7.88
CA VAL B 92 10.11 10.47 -6.59
C VAL B 92 11.63 10.26 -6.55
N TRP B 93 12.09 9.23 -7.26
CA TRP B 93 13.53 8.97 -7.38
C TRP B 93 14.26 10.12 -8.11
N ARG B 94 13.80 10.48 -9.29
CA ARG B 94 14.52 11.53 -9.99
CA ARG B 94 14.40 11.56 -10.08
C ARG B 94 14.33 12.90 -9.34
N SER B 95 13.36 13.00 -8.43
CA SER B 95 13.09 14.26 -7.75
C SER B 95 13.88 14.46 -6.46
N MET B 96 14.58 13.42 -6.04
CA MET B 96 15.29 13.46 -4.76
C MET B 96 16.13 14.71 -4.54
N GLU B 97 17.02 15.00 -5.48
CA GLU B 97 17.94 16.11 -5.30
C GLU B 97 17.33 17.44 -5.75
N HIS B 98 16.01 17.50 -5.76
CA HIS B 98 15.30 18.74 -6.02
C HIS B 98 14.25 18.98 -4.93
N PRO B 99 14.70 19.35 -3.72
CA PRO B 99 13.83 19.60 -2.58
C PRO B 99 12.70 20.54 -2.93
N GLY B 100 11.47 20.16 -2.59
CA GLY B 100 10.30 21.01 -2.84
C GLY B 100 9.77 20.95 -4.26
N LYS B 101 10.37 20.12 -5.11
CA LYS B 101 10.01 20.05 -6.52
C LYS B 101 9.83 18.62 -7.00
N LEU B 102 9.01 18.45 -8.04
CA LEU B 102 8.91 17.15 -8.70
C LEU B 102 9.49 17.27 -10.11
N LEU B 103 10.53 16.49 -10.39
CA LEU B 103 11.17 16.48 -11.71
C LEU B 103 10.43 15.49 -12.61
N PHE B 104 9.33 15.92 -13.21
CA PHE B 104 8.61 15.05 -14.13
C PHE B 104 9.46 14.70 -15.34
N ALA B 105 10.26 15.66 -15.78
CA ALA B 105 11.17 15.46 -16.89
C ALA B 105 12.29 16.48 -16.72
N PRO B 106 13.42 16.30 -17.42
CA PRO B 106 14.49 17.27 -17.19
C PRO B 106 14.04 18.69 -17.52
N ASN B 107 13.05 18.81 -18.41
CA ASN B 107 12.53 20.11 -18.82
C ASN B 107 11.19 20.42 -18.19
N LEU B 108 10.81 19.65 -17.17
CA LEU B 108 9.55 19.90 -16.48
C LEU B 108 9.70 19.71 -14.99
N LEU B 109 9.95 20.81 -14.29
CA LEU B 109 10.19 20.80 -12.84
C LEU B 109 9.07 21.60 -12.18
N LEU B 110 8.19 20.91 -11.45
CA LEU B 110 7.02 21.54 -10.86
C LEU B 110 7.05 21.54 -9.34
N ASP B 111 6.47 22.57 -8.73
CA ASP B 111 6.28 22.60 -7.28
C ASP B 111 4.78 22.46 -6.96
N ARG B 112 4.43 22.50 -5.67
CA ARG B 112 3.06 22.19 -5.25
C ARG B 112 2.03 23.20 -5.76
N ASN B 113 2.44 24.47 -5.85
CA ASN B 113 1.53 25.51 -6.31
C ASN B 113 0.99 25.24 -7.72
N GLN B 114 1.78 24.56 -8.53
CA GLN B 114 1.37 24.19 -9.88
C GLN B 114 0.55 22.92 -9.87
N GLY B 115 0.64 22.15 -8.79
CA GLY B 115 -0.24 21.02 -8.58
C GLY B 115 -1.68 21.48 -8.42
N LYS B 116 -1.86 22.75 -8.08
CA LYS B 116 -3.21 23.30 -7.92
C LYS B 116 -3.89 23.60 -9.27
N CYS B 117 -3.17 23.42 -10.37
CA CYS B 117 -3.74 23.68 -11.69
C CYS B 117 -4.81 22.64 -12.04
N VAL B 118 -4.74 21.49 -11.38
CA VAL B 118 -5.72 20.44 -11.58
C VAL B 118 -6.37 20.10 -10.24
N GLU B 119 -7.68 20.23 -10.16
CA GLU B 119 -8.38 19.98 -8.90
C GLU B 119 -8.11 18.57 -8.40
N GLY B 120 -7.81 18.46 -7.10
CA GLY B 120 -7.52 17.18 -6.49
C GLY B 120 -6.07 16.73 -6.62
N MET B 121 -5.25 17.49 -7.33
CA MET B 121 -3.89 17.02 -7.59
C MET B 121 -2.87 17.44 -6.53
N VAL B 122 -3.10 18.60 -5.91
CA VAL B 122 -2.17 19.12 -4.91
C VAL B 122 -1.97 18.13 -3.76
N GLU B 123 -3.04 17.50 -3.31
CA GLU B 123 -2.93 16.51 -2.24
C GLU B 123 -1.95 15.40 -2.62
N ILE B 124 -2.04 14.91 -3.86
CA ILE B 124 -1.13 13.86 -4.33
C ILE B 124 0.31 14.38 -4.47
N PHE B 125 0.44 15.60 -4.97
CA PHE B 125 1.76 16.21 -5.11
C PHE B 125 2.46 16.30 -3.75
N ASP B 126 1.73 16.70 -2.73
CA ASP B 126 2.30 16.80 -1.39
C ASP B 126 2.79 15.44 -0.91
N MET B 127 2.02 14.40 -1.19
CA MET B 127 2.43 13.04 -0.83
C MET B 127 3.69 12.62 -1.60
N LEU B 128 3.74 12.93 -2.89
CA LEU B 128 4.92 12.61 -3.67
C LEU B 128 6.15 13.36 -3.18
N LEU B 129 5.98 14.64 -2.85
CA LEU B 129 7.09 15.43 -2.31
C LEU B 129 7.58 14.86 -0.97
N ALA B 130 6.65 14.43 -0.12
CA ALA B 130 7.03 13.84 1.16
C ALA B 130 7.85 12.55 0.95
N THR B 131 7.43 11.76 -0.02
CA THR B 131 8.09 10.49 -0.29
C THR B 131 9.48 10.74 -0.82
N SER B 132 9.59 11.71 -1.73
CA SER B 132 10.88 12.10 -2.26
C SER B 132 11.80 12.57 -1.13
N SER B 133 11.28 13.39 -0.24
CA SER B 133 12.07 13.86 0.89
CA SER B 133 12.05 13.86 0.90
C SER B 133 12.48 12.69 1.77
N ARG B 134 11.60 11.72 1.95
CA ARG B 134 11.94 10.52 2.71
C ARG B 134 13.13 9.78 2.07
N PHE B 135 13.05 9.54 0.76
CA PHE B 135 14.16 8.91 0.04
C PHE B 135 15.46 9.72 0.19
N ARG B 136 15.32 11.04 0.21
CA ARG B 136 16.50 11.89 0.30
C ARG B 136 17.17 11.79 1.66
N MET B 137 16.37 11.81 2.72
CA MET B 137 16.89 11.70 4.07
C MET B 137 17.60 10.35 4.27
N MET B 138 17.05 9.30 3.66
CA MET B 138 17.61 7.96 3.79
C MET B 138 18.80 7.76 2.88
N ASN B 139 19.07 8.74 2.02
CA ASN B 139 20.12 8.60 1.02
C ASN B 139 19.93 7.32 0.21
N LEU B 140 18.73 7.14 -0.32
CA LEU B 140 18.43 5.98 -1.16
C LEU B 140 19.43 5.85 -2.32
N GLN B 141 19.93 4.64 -2.52
CA GLN B 141 20.92 4.39 -3.57
C GLN B 141 20.23 3.86 -4.84
N GLY B 142 20.84 4.13 -5.99
CA GLY B 142 20.27 3.66 -7.25
C GLY B 142 20.06 2.17 -7.28
N GLU B 143 21.02 1.43 -6.70
CA GLU B 143 20.90 -0.02 -6.58
C GLU B 143 19.70 -0.45 -5.75
N GLU B 144 19.39 0.31 -4.71
CA GLU B 144 18.21 0.03 -3.88
C GLU B 144 16.93 0.40 -4.61
N PHE B 145 16.94 1.55 -5.27
CA PHE B 145 15.80 1.98 -6.06
C PHE B 145 15.33 0.94 -7.09
N VAL B 146 16.26 0.40 -7.88
CA VAL B 146 15.85 -0.58 -8.88
C VAL B 146 15.28 -1.87 -8.27
N CYS B 147 15.80 -2.27 -7.10
CA CYS B 147 15.20 -3.38 -6.36
C CYS B 147 13.75 -3.06 -5.96
N LEU B 148 13.54 -1.88 -5.41
CA LEU B 148 12.21 -1.49 -4.95
C LEU B 148 11.21 -1.44 -6.11
N LYS B 149 11.64 -0.93 -7.25
CA LYS B 149 10.73 -0.80 -8.39
C LYS B 149 10.32 -2.18 -8.92
N SER B 150 11.27 -3.12 -8.92
CA SER B 150 10.96 -4.48 -9.34
C SER B 150 10.05 -5.19 -8.34
N ILE B 151 10.22 -4.89 -7.05
CA ILE B 151 9.32 -5.43 -6.03
C ILE B 151 7.89 -4.95 -6.26
N ILE B 152 7.73 -3.67 -6.59
CA ILE B 152 6.39 -3.15 -6.88
C ILE B 152 5.78 -3.92 -8.05
N LEU B 153 6.54 -4.09 -9.12
CA LEU B 153 6.01 -4.82 -10.28
C LEU B 153 5.54 -6.23 -9.95
N LEU B 154 6.36 -6.98 -9.20
CA LEU B 154 6.03 -8.35 -8.85
C LEU B 154 4.97 -8.49 -7.76
N ASN B 155 4.96 -7.53 -6.82
CA ASN B 155 4.11 -7.67 -5.62
C ASN B 155 2.71 -7.09 -5.77
N SER B 156 2.56 -6.01 -6.51
CA SER B 156 1.33 -5.24 -6.40
C SER B 156 0.08 -6.01 -6.82
N GLY B 157 0.21 -6.88 -7.81
CA GLY B 157 -0.96 -7.60 -8.29
C GLY B 157 -1.00 -9.08 -7.95
N VAL B 158 -0.02 -9.53 -7.16
CA VAL B 158 0.15 -10.97 -6.92
C VAL B 158 -1.01 -11.63 -6.19
N TYR B 159 -1.81 -10.86 -5.45
CA TYR B 159 -2.94 -11.45 -4.74
C TYR B 159 -4.28 -11.20 -5.42
N THR B 160 -4.24 -10.70 -6.64
CA THR B 160 -5.47 -10.44 -7.38
C THR B 160 -5.51 -11.16 -8.73
N PHE B 161 -4.70 -12.21 -8.87
CA PHE B 161 -4.73 -13.03 -10.08
C PHE B 161 -6.08 -13.68 -10.28
N LYS B 167 -1.57 -24.88 -10.57
CA LYS B 167 -1.07 -24.22 -11.77
C LYS B 167 -0.98 -22.72 -11.58
N SER B 168 -2.12 -22.07 -11.44
CA SER B 168 -2.18 -20.65 -11.18
C SER B 168 -1.47 -20.31 -9.87
N LEU B 169 -1.52 -21.25 -8.92
CA LEU B 169 -0.81 -21.10 -7.64
C LEU B 169 0.70 -21.16 -7.84
N GLU B 170 1.13 -22.01 -8.78
CA GLU B 170 2.55 -22.12 -9.12
C GLU B 170 3.14 -20.77 -9.53
N GLU B 171 2.33 -19.97 -10.22
CA GLU B 171 2.79 -18.65 -10.64
C GLU B 171 3.01 -17.73 -9.43
N LYS B 172 2.13 -17.79 -8.45
CA LYS B 172 2.29 -17.01 -7.23
C LYS B 172 3.56 -17.43 -6.48
N ASP B 173 3.74 -18.74 -6.33
CA ASP B 173 4.90 -19.28 -5.64
C ASP B 173 6.21 -18.81 -6.27
N HIS B 174 6.31 -18.88 -7.60
CA HIS B 174 7.49 -18.41 -8.30
C HIS B 174 7.72 -16.93 -8.02
N ILE B 175 6.65 -16.15 -8.11
CA ILE B 175 6.73 -14.73 -7.80
C ILE B 175 7.29 -14.54 -6.40
N HIS B 176 6.79 -15.31 -5.44
CA HIS B 176 7.29 -15.21 -4.08
C HIS B 176 8.79 -15.52 -3.97
N ARG B 177 9.26 -16.51 -4.72
CA ARG B 177 10.67 -16.85 -4.66
C ARG B 177 11.55 -15.74 -5.24
N VAL B 178 11.10 -15.15 -6.34
CA VAL B 178 11.83 -14.03 -6.93
C VAL B 178 11.82 -12.84 -5.96
N LEU B 179 10.69 -12.58 -5.31
CA LEU B 179 10.65 -11.50 -4.33
C LEU B 179 11.66 -11.74 -3.20
N ASP B 180 11.76 -12.98 -2.72
CA ASP B 180 12.75 -13.34 -1.71
C ASP B 180 14.17 -13.07 -2.20
N LYS B 181 14.44 -13.35 -3.47
CA LYS B 181 15.77 -13.08 -4.00
C LYS B 181 16.05 -11.59 -4.02
N ILE B 182 15.03 -10.79 -4.32
CA ILE B 182 15.23 -9.34 -4.32
C ILE B 182 15.50 -8.82 -2.91
N THR B 183 14.83 -9.42 -1.92
CA THR B 183 15.10 -9.09 -0.52
C THR B 183 16.55 -9.41 -0.19
N ASP B 184 16.98 -10.61 -0.53
CA ASP B 184 18.36 -11.03 -0.36
C ASP B 184 19.29 -9.98 -0.97
N THR B 185 18.89 -9.45 -2.12
CA THR B 185 19.74 -8.51 -2.84
C THR B 185 19.84 -7.17 -2.12
N LEU B 186 18.71 -6.65 -1.64
CA LEU B 186 18.69 -5.44 -0.83
C LEU B 186 19.60 -5.57 0.39
N ILE B 187 19.45 -6.66 1.12
CA ILE B 187 20.27 -6.89 2.31
C ILE B 187 21.77 -6.94 1.94
N HIS B 188 22.09 -7.62 0.83
CA HIS B 188 23.46 -7.71 0.35
C HIS B 188 24.07 -6.32 0.08
N LEU B 189 23.26 -5.45 -0.52
CA LEU B 189 23.69 -4.09 -0.81
C LEU B 189 23.94 -3.30 0.47
N MET B 190 23.08 -3.49 1.46
CA MET B 190 23.22 -2.81 2.73
C MET B 190 24.44 -3.31 3.52
N ALA B 191 24.68 -4.62 3.46
CA ALA B 191 25.84 -5.18 4.15
C ALA B 191 27.12 -4.66 3.49
N LYS B 192 27.11 -4.63 2.16
CA LYS B 192 28.22 -4.10 1.36
C LYS B 192 28.52 -2.65 1.73
N ALA B 193 27.48 -1.93 2.13
CA ALA B 193 27.60 -0.51 2.49
C ALA B 193 28.04 -0.30 3.94
N GLY B 194 28.24 -1.40 4.66
CA GLY B 194 28.82 -1.34 6.00
C GLY B 194 27.80 -1.24 7.12
N LEU B 195 26.51 -1.24 6.77
CA LEU B 195 25.46 -1.21 7.78
C LEU B 195 25.56 -2.41 8.70
N THR B 196 25.31 -2.18 9.99
CA THR B 196 25.22 -3.29 10.95
C THR B 196 23.95 -4.08 10.69
N LEU B 197 23.87 -5.29 11.23
CA LEU B 197 22.72 -6.13 10.94
C LEU B 197 21.41 -5.48 11.39
N GLN B 198 21.44 -4.87 12.57
CA GLN B 198 20.28 -4.13 13.06
C GLN B 198 19.93 -2.98 12.11
N GLN B 199 20.96 -2.31 11.59
CA GLN B 199 20.74 -1.23 10.64
C GLN B 199 20.17 -1.74 9.32
N GLN B 200 20.60 -2.92 8.91
CA GLN B 200 20.14 -3.52 7.66
C GLN B 200 18.65 -3.80 7.75
N HIS B 201 18.23 -4.47 8.82
CA HIS B 201 16.83 -4.85 8.97
C HIS B 201 15.96 -3.61 9.09
N GLN B 202 16.45 -2.61 9.82
CA GLN B 202 15.69 -1.37 9.99
C GLN B 202 15.48 -0.65 8.67
N ARG B 203 16.55 -0.60 7.87
CA ARG B 203 16.48 0.09 6.59
C ARG B 203 15.62 -0.68 5.62
N LEU B 204 15.77 -2.00 5.59
CA LEU B 204 14.89 -2.85 4.77
C LEU B 204 13.42 -2.56 5.08
N ALA B 205 13.08 -2.55 6.37
CA ALA B 205 11.72 -2.27 6.78
C ALA B 205 11.25 -0.87 6.36
N GLN B 206 12.10 0.13 6.56
CA GLN B 206 11.76 1.52 6.23
C GLN B 206 11.42 1.63 4.76
N LEU B 207 12.19 0.96 3.90
CA LEU B 207 11.96 1.02 2.47
C LEU B 207 10.65 0.33 2.09
N LEU B 208 10.40 -0.84 2.68
CA LEU B 208 9.19 -1.58 2.35
C LEU B 208 7.93 -0.85 2.84
N LEU B 209 8.02 -0.13 3.95
CA LEU B 209 6.86 0.62 4.44
C LEU B 209 6.55 1.75 3.49
N ILE B 210 7.57 2.30 2.85
CA ILE B 210 7.35 3.34 1.86
C ILE B 210 6.54 2.80 0.68
N LEU B 211 6.68 1.51 0.39
CA LEU B 211 5.87 0.90 -0.67
C LEU B 211 4.39 0.97 -0.38
N SER B 212 4.01 0.90 0.89
CA SER B 212 2.61 1.02 1.25
CA SER B 212 2.61 1.02 1.28
C SER B 212 2.10 2.40 0.92
N HIS B 213 2.96 3.38 1.12
CA HIS B 213 2.60 4.75 0.80
C HIS B 213 2.50 4.99 -0.71
N ILE B 214 3.38 4.34 -1.46
CA ILE B 214 3.33 4.44 -2.91
C ILE B 214 2.05 3.76 -3.41
N ARG B 215 1.64 2.66 -2.77
CA ARG B 215 0.37 2.04 -3.13
C ARG B 215 -0.76 3.01 -2.90
N HIS B 216 -0.75 3.65 -1.73
CA HIS B 216 -1.77 4.59 -1.36
C HIS B 216 -1.86 5.72 -2.39
N MET B 217 -0.72 6.31 -2.73
CA MET B 217 -0.71 7.37 -3.73
C MET B 217 -1.28 6.96 -5.08
N SER B 218 -0.88 5.78 -5.54
CA SER B 218 -1.39 5.25 -6.79
C SER B 218 -2.91 5.09 -6.73
N ASN B 219 -3.42 4.48 -5.66
CA ASN B 219 -4.87 4.33 -5.56
C ASN B 219 -5.66 5.64 -5.52
N LYS B 220 -5.15 6.61 -4.77
CA LYS B 220 -5.79 7.92 -4.71
C LYS B 220 -5.68 8.65 -6.04
N GLY B 221 -4.53 8.58 -6.69
CA GLY B 221 -4.38 9.21 -8.00
C GLY B 221 -5.28 8.57 -9.05
N MET B 222 -5.27 7.24 -9.08
CA MET B 222 -6.04 6.49 -10.05
C MET B 222 -7.52 6.84 -9.94
N GLU B 223 -7.99 6.98 -8.71
CA GLU B 223 -9.40 7.30 -8.45
C GLU B 223 -9.78 8.62 -9.12
N HIS B 224 -8.87 9.60 -9.09
CA HIS B 224 -9.12 10.85 -9.80
C HIS B 224 -8.97 10.65 -11.30
N LEU B 225 -7.93 9.95 -11.73
CA LEU B 225 -7.66 9.79 -13.15
C LEU B 225 -8.77 9.08 -13.94
N TYR B 226 -9.41 8.07 -13.36
CA TYR B 226 -10.51 7.43 -14.07
C TYR B 226 -11.88 8.05 -13.83
N SER B 227 -11.93 9.15 -13.08
CA SER B 227 -13.16 9.93 -12.98
C SER B 227 -13.47 10.53 -14.35
N MET B 228 -14.76 10.59 -14.70
CA MET B 228 -15.16 11.10 -16.01
C MET B 228 -14.58 12.49 -16.28
N LYS B 229 -14.45 13.29 -15.24
CA LYS B 229 -13.91 14.64 -15.36
C LYS B 229 -12.46 14.64 -15.85
N CYS B 230 -11.61 13.85 -15.21
CA CYS B 230 -10.19 13.80 -15.59
C CYS B 230 -9.94 13.14 -16.94
N LYS B 231 -10.92 12.39 -17.43
CA LYS B 231 -10.76 11.67 -18.68
C LYS B 231 -11.21 12.52 -19.87
N ASN B 232 -11.87 13.63 -19.58
CA ASN B 232 -12.36 14.50 -20.63
C ASN B 232 -11.77 15.91 -20.56
N VAL B 233 -10.63 16.01 -19.89
CA VAL B 233 -9.86 17.25 -19.88
C VAL B 233 -9.11 17.35 -21.20
N VAL B 234 -8.48 16.25 -21.60
CA VAL B 234 -7.80 16.16 -22.88
C VAL B 234 -7.97 14.75 -23.44
N PRO B 235 -7.92 14.62 -24.79
CA PRO B 235 -7.99 13.30 -25.39
C PRO B 235 -6.88 12.38 -24.88
N LEU B 236 -7.25 11.22 -24.37
CA LEU B 236 -6.29 10.25 -23.84
C LEU B 236 -5.95 9.20 -24.88
N SER B 237 -4.73 8.68 -24.82
CA SER B 237 -4.29 7.65 -25.74
C SER B 237 -4.99 6.34 -25.41
N ASP B 238 -5.06 5.45 -26.40
CA ASP B 238 -5.71 4.17 -26.21
C ASP B 238 -5.06 3.34 -25.11
N LEU B 239 -3.73 3.31 -25.09
CA LEU B 239 -3.01 2.53 -24.07
C LEU B 239 -3.27 3.01 -22.64
N LEU B 240 -3.22 4.32 -22.42
CA LEU B 240 -3.56 4.84 -21.10
C LEU B 240 -5.00 4.52 -20.72
N LEU B 241 -5.92 4.72 -21.67
CA LEU B 241 -7.32 4.44 -21.42
C LEU B 241 -7.52 3.02 -20.92
N GLU B 242 -6.79 2.10 -21.54
CA GLU B 242 -6.89 0.69 -21.17
C GLU B 242 -6.24 0.39 -19.83
N MET B 243 -5.12 1.06 -19.53
CA MET B 243 -4.47 0.91 -18.22
C MET B 243 -5.36 1.45 -17.12
N LEU B 244 -6.00 2.59 -17.38
CA LEU B 244 -6.88 3.20 -16.40
C LEU B 244 -8.13 2.36 -16.21
N ASP B 245 -8.61 1.79 -17.32
CA ASP B 245 -9.85 1.02 -17.28
C ASP B 245 -9.66 -0.28 -16.51
N ALA B 246 -8.46 -0.83 -16.52
CA ALA B 246 -8.16 -1.99 -15.69
C ALA B 246 -8.52 -1.74 -14.22
N HIS B 247 -8.43 -0.48 -13.80
CA HIS B 247 -8.79 -0.09 -12.44
C HIS B 247 -10.23 0.41 -12.29
N ARG B 248 -10.71 1.15 -13.29
CA ARG B 248 -12.07 1.71 -13.24
C ARG B 248 -13.10 0.58 -13.14
N LEU B 249 -12.79 -0.52 -13.82
CA LEU B 249 -13.67 -1.69 -13.87
C LEU B 249 -14.24 -2.08 -12.51
N HIS B 250 -13.46 -1.82 -11.45
CA HIS B 250 -13.82 -2.27 -10.10
C HIS B 250 -14.39 -1.15 -9.24
N ALA B 251 -14.22 0.09 -9.71
CA ALA B 251 -14.69 1.26 -8.99
C ALA B 251 -16.20 1.26 -8.88
N PRO B 252 -16.74 2.01 -7.91
CA PRO B 252 -18.20 2.09 -7.81
C PRO B 252 -18.82 2.76 -9.05
N LYS C 3 -6.08 -6.49 -26.05
CA LYS C 3 -5.49 -5.37 -25.34
C LYS C 3 -4.15 -4.94 -25.93
N ILE C 4 -3.92 -3.64 -26.04
CA ILE C 4 -2.64 -3.10 -26.50
C ILE C 4 -1.48 -3.55 -25.63
N LEU C 5 -1.71 -3.63 -24.32
CA LEU C 5 -0.68 -4.05 -23.39
C LEU C 5 -0.30 -5.50 -23.68
N HIS C 6 -1.33 -6.31 -23.90
CA HIS C 6 -1.17 -7.70 -24.24
C HIS C 6 -0.31 -7.84 -25.50
N ARG C 7 -0.60 -6.97 -26.47
CA ARG C 7 0.10 -7.00 -27.75
C ARG C 7 1.56 -6.59 -27.58
N LEU C 8 1.80 -5.48 -26.90
CA LEU C 8 3.16 -4.98 -26.70
C LEU C 8 4.03 -5.94 -25.90
N LEU C 9 3.42 -6.68 -24.98
CA LEU C 9 4.14 -7.67 -24.19
C LEU C 9 4.52 -8.87 -25.05
N GLN C 10 3.63 -9.23 -25.97
CA GLN C 10 3.80 -10.39 -26.82
C GLN C 10 4.91 -10.18 -27.84
N ASP C 11 5.06 -8.95 -28.31
CA ASP C 11 6.09 -8.61 -29.29
C ASP C 11 7.43 -9.26 -28.93
N HIS D 2 -16.41 19.11 18.40
CA HIS D 2 -16.13 18.87 16.98
C HIS D 2 -16.22 17.39 16.65
N LYS D 3 -15.15 16.84 16.07
CA LYS D 3 -15.17 15.42 15.71
C LYS D 3 -15.38 14.55 16.95
N ILE D 4 -16.17 13.50 16.77
CA ILE D 4 -16.39 12.54 17.82
C ILE D 4 -15.08 11.90 18.27
N LEU D 5 -14.20 11.67 17.29
CA LEU D 5 -12.93 11.00 17.54
C LEU D 5 -12.10 11.81 18.54
N HIS D 6 -12.18 13.13 18.41
CA HIS D 6 -11.51 14.04 19.34
C HIS D 6 -11.93 13.77 20.77
N ARG D 7 -13.24 13.63 20.99
CA ARG D 7 -13.76 13.37 22.33
C ARG D 7 -13.30 12.01 22.81
N LEU D 8 -13.42 10.99 21.97
CA LEU D 8 -13.16 9.62 22.37
C LEU D 8 -11.69 9.38 22.73
N LEU D 9 -10.80 10.15 22.11
CA LEU D 9 -9.37 10.00 22.35
C LEU D 9 -8.88 10.63 23.68
N GLN D 10 -9.75 11.35 24.38
CA GLN D 10 -9.30 12.13 25.54
C GLN D 10 -9.24 11.40 26.88
N ASP D 11 -10.40 11.14 27.47
CA ASP D 11 -10.47 10.55 28.82
C ASP D 11 -9.41 9.45 29.02
C10 4Q7 E . -17.24 -2.95 6.41
C11 4Q7 E . -18.37 -2.48 5.82
C12 4Q7 E . -18.93 -1.29 6.15
C13 4Q7 E . -18.35 -0.48 7.06
C14 4Q7 E . -17.21 -0.91 7.64
C15 4Q7 E . -16.67 -2.10 7.30
C16 4Q7 E . -15.37 -5.91 5.34
C17 4Q7 E . -14.32 -5.10 4.55
C01 4Q7 E . -14.44 -5.86 10.36
C02 4Q7 E . -13.64 -6.06 9.29
C03 4Q7 E . -14.09 -5.79 8.04
C04 4Q7 E . -15.33 -5.31 7.80
C05 4Q7 E . -16.12 -5.13 8.90
C06 4Q7 E . -15.69 -5.39 10.16
O01 4Q7 E . -13.99 -6.13 11.62
C07 4Q7 E . -15.77 -5.05 6.53
C08 4Q7 E . -16.61 -4.11 6.00
C09 4Q7 E . -16.60 -4.46 4.51
O02 4Q7 E . -18.87 0.72 7.41
C18 4Q7 E . -15.24 -4.00 3.98
O03 4Q7 E . -16.46 -5.86 4.45
S01 4Q7 E . -15.27 -3.72 2.14
O04 4Q7 E . -16.53 -2.67 2.06
O05 4Q7 E . -15.58 -5.07 1.65
O06 4Q7 E . -13.96 -3.15 1.95
C19 4Q7 E . -17.27 -2.77 0.93
C20 4Q7 E . -18.60 -2.97 1.05
C21 4Q7 E . -19.35 -3.06 -0.07
C22 4Q7 E . -18.79 -2.92 -1.29
C23 4Q7 E . -17.47 -2.71 -1.40
C24 4Q7 E . -16.71 -2.63 -0.30
O07 4Q7 E . -19.06 -3.11 2.34
C25 4Q7 E . -20.40 -3.45 2.60
C10 4Q7 F . -0.15 11.46 -14.23
C11 4Q7 F . -1.18 12.13 -14.80
C12 4Q7 F . -1.90 11.57 -15.79
C13 4Q7 F . -1.66 10.32 -16.24
C14 4Q7 F . -0.68 9.64 -15.66
C15 4Q7 F . 0.04 10.20 -14.67
C16 4Q7 F . 1.76 12.50 -11.35
C17 4Q7 F . 1.06 11.48 -10.41
C01 4Q7 F . 5.29 10.18 -14.28
C02 4Q7 F . 5.02 10.13 -12.96
C03 4Q7 F . 3.88 10.65 -12.45
C04 4Q7 F . 2.96 11.26 -13.22
C05 4Q7 F . 3.26 11.29 -14.55
C06 4Q7 F . 4.39 10.77 -15.07
O01 4Q7 F . 6.42 9.63 -14.76
C07 4Q7 F . 1.81 11.80 -12.71
C08 4Q7 F . 0.55 11.93 -13.17
C09 4Q7 F . -0.19 12.65 -12.04
O02 4Q7 F . -2.40 9.75 -17.25
C18 4Q7 F . -0.39 11.59 -10.94
O03 4Q7 F . 0.77 13.49 -11.45
S01 4Q7 F . -1.74 12.05 -9.75
O04 4Q7 F . -3.07 12.07 -10.74
O05 4Q7 F . -1.27 13.30 -9.22
O06 4Q7 F . -1.67 10.84 -8.93
C19 4Q7 F . -4.00 13.05 -10.48
C20 4Q7 F . -4.20 14.00 -11.41
C21 4Q7 F . -5.13 14.96 -11.17
C22 4Q7 F . -5.85 14.98 -10.03
C23 4Q7 F . -5.63 14.03 -9.11
C24 4Q7 F . -4.72 13.07 -9.34
O07 4Q7 F . -3.43 13.91 -12.54
C25 4Q7 F . -3.41 15.01 -13.42
#